data_2H64
#
_entry.id   2H64
#
_cell.length_a   82.790
_cell.length_b   82.790
_cell.length_c   111.120
_cell.angle_alpha   90.00
_cell.angle_beta   90.00
_cell.angle_gamma   120.00
#
_symmetry.space_group_name_H-M   'P 32 2 1'
#
loop_
_entity.id
_entity.type
_entity.pdbx_description
1 polymer 'Bone morphogenetic protein 2'
2 polymer 'Bone morphogenetic protein receptor type IA'
3 polymer 'Acvr2b protein'
4 water water
#
loop_
_entity_poly.entity_id
_entity_poly.type
_entity_poly.pdbx_seq_one_letter_code
_entity_poly.pdbx_strand_id
1 'polypeptide(L)'
;QAKHKQRKRLKSSCKRHPLYVDFSDVGWNDWIVAPPGYHAFYCHGECPFPLADHLNSTNHAIVQTLVNSVNSKIPKACCV
PTELSAISMLYLDENEKVVKKDYQDMVVEGCGCR
;
A
2 'polypeptide(L)'
;QNLDSMLHGTGMKSDSDQKKSENGVTLAPEDTLPFLKCYCSGHCPDDAINNTCITNGHCFAIIEEDDQGETTLASGCMKY
EGSDFQCKDSPKAQLRRTIECCRTNLCNQYLQPTLPPVVIGPFFDGSIR
;
B
3 'polypeptide(L)'
;SGRGEAETRECIYYNANWELERTNQSGLERCEGEQDKRLHCYASWRNSSGTIELVKKGCWLDDFNCYDRQECVATEENPQ
VYFCCCEGNFCNERFTHLP
;
C
#
# COMPACT_ATOMS: atom_id res chain seq x y z
N LEU A 10 -24.58 8.10 17.82
CA LEU A 10 -23.71 9.20 18.34
C LEU A 10 -22.52 9.44 17.42
N LYS A 11 -22.21 10.72 17.20
CA LYS A 11 -21.10 11.13 16.34
C LYS A 11 -19.79 10.48 16.77
N SER A 12 -19.70 10.14 18.05
CA SER A 12 -18.50 9.55 18.63
C SER A 12 -18.33 8.04 18.54
N SER A 13 -19.34 7.35 18.02
CA SER A 13 -19.27 5.89 17.92
C SER A 13 -18.39 5.38 16.76
N CYS A 14 -18.02 4.10 16.82
CA CYS A 14 -17.20 3.45 15.81
C CYS A 14 -17.77 3.54 14.41
N LYS A 15 -17.01 4.14 13.49
CA LYS A 15 -17.45 4.30 12.11
C LYS A 15 -16.25 4.65 11.22
N ARG A 16 -16.48 4.64 9.91
CA ARG A 16 -15.44 4.98 8.96
C ARG A 16 -15.32 6.49 8.84
N HIS A 17 -14.10 6.97 8.71
CA HIS A 17 -13.83 8.40 8.57
C HIS A 17 -13.05 8.58 7.29
N PRO A 18 -13.03 9.81 6.76
CA PRO A 18 -12.30 10.09 5.51
C PRO A 18 -10.79 10.16 5.69
N LEU A 19 -10.08 9.74 4.65
CA LEU A 19 -8.63 9.79 4.61
C LEU A 19 -8.17 9.55 3.20
N TYR A 20 -7.62 10.60 2.59
CA TYR A 20 -7.11 10.48 1.25
C TYR A 20 -5.59 10.48 1.41
N VAL A 21 -4.94 9.48 0.82
CA VAL A 21 -3.49 9.36 0.89
C VAL A 21 -2.96 9.89 -0.43
N ASP A 22 -2.25 11.02 -0.37
CA ASP A 22 -1.69 11.65 -1.57
C ASP A 22 -0.22 11.28 -1.65
N PHE A 23 0.14 10.51 -2.68
CA PHE A 23 1.51 10.06 -2.82
C PHE A 23 2.53 11.17 -2.97
N SER A 24 2.15 12.28 -3.60
CA SER A 24 3.06 13.41 -3.77
C SER A 24 3.41 14.00 -2.40
N ASP A 25 2.42 14.11 -1.53
CA ASP A 25 2.65 14.65 -0.19
C ASP A 25 3.52 13.76 0.67
N VAL A 26 3.26 12.45 0.68
CA VAL A 26 4.06 11.53 1.49
C VAL A 26 5.44 11.34 0.85
N GLY A 27 5.53 11.65 -0.44
CA GLY A 27 6.81 11.51 -1.14
C GLY A 27 7.00 10.23 -1.91
N TRP A 28 5.94 9.48 -2.17
CA TRP A 28 6.10 8.23 -2.90
C TRP A 28 5.84 8.34 -4.40
N ASN A 29 5.69 9.56 -4.90
CA ASN A 29 5.43 9.75 -6.33
C ASN A 29 6.66 9.44 -7.19
N ASP A 30 7.82 9.30 -6.56
CA ASP A 30 9.01 8.98 -7.32
C ASP A 30 9.00 7.50 -7.72
N TRP A 31 8.33 6.65 -6.95
CA TRP A 31 8.28 5.24 -7.32
C TRP A 31 6.88 4.76 -7.74
N ILE A 32 5.85 5.50 -7.36
CA ILE A 32 4.49 5.12 -7.76
C ILE A 32 4.08 5.95 -8.96
N VAL A 33 3.77 5.29 -10.07
CA VAL A 33 3.39 6.02 -11.27
C VAL A 33 1.92 6.40 -11.28
N ALA A 34 1.08 5.45 -10.90
CA ALA A 34 -0.37 5.64 -10.84
C ALA A 34 -0.87 4.71 -9.73
N PRO A 35 -1.89 5.14 -8.97
CA PRO A 35 -2.59 6.42 -9.09
C PRO A 35 -1.85 7.54 -8.36
N PRO A 36 -2.34 8.78 -8.45
CA PRO A 36 -1.65 9.86 -7.73
C PRO A 36 -1.91 9.75 -6.24
N GLY A 37 -2.94 9.00 -5.89
CA GLY A 37 -3.29 8.81 -4.49
C GLY A 37 -4.62 8.10 -4.42
N TYR A 38 -5.18 7.93 -3.22
CA TYR A 38 -6.45 7.22 -3.11
C TYR A 38 -7.12 7.38 -1.75
N HIS A 39 -8.42 7.13 -1.74
CA HIS A 39 -9.19 7.20 -0.52
C HIS A 39 -9.03 5.91 0.26
N ALA A 40 -8.29 5.99 1.36
CA ALA A 40 -8.03 4.85 2.22
C ALA A 40 -9.03 4.78 3.37
N PHE A 41 -9.43 5.94 3.88
CA PHE A 41 -10.36 6.00 5.02
C PHE A 41 -9.64 5.39 6.23
N TYR A 42 -10.31 5.44 7.37
CA TYR A 42 -9.80 4.84 8.58
C TYR A 42 -10.98 4.69 9.53
N CYS A 43 -10.82 3.82 10.51
CA CYS A 43 -11.89 3.58 11.47
C CYS A 43 -11.59 4.23 12.80
N HIS A 44 -12.60 4.80 13.41
CA HIS A 44 -12.43 5.42 14.70
C HIS A 44 -13.77 5.62 15.39
N GLY A 45 -13.76 5.56 16.71
CA GLY A 45 -14.98 5.73 17.46
C GLY A 45 -15.11 4.72 18.58
N GLU A 46 -15.95 5.06 19.55
CA GLU A 46 -16.19 4.22 20.70
C GLU A 46 -16.98 2.96 20.38
N CYS A 47 -16.70 1.89 21.12
CA CYS A 47 -17.41 0.63 20.97
C CYS A 47 -18.17 0.37 22.28
N PRO A 48 -19.27 1.10 22.50
CA PRO A 48 -20.01 0.87 23.74
C PRO A 48 -21.01 -0.27 23.67
N PHE A 49 -21.54 -0.66 24.82
CA PHE A 49 -22.53 -1.72 24.91
C PHE A 49 -23.91 -1.20 24.47
N PRO A 50 -24.65 -1.99 23.68
CA PRO A 50 -24.32 -3.32 23.16
C PRO A 50 -23.68 -3.16 21.77
N LEU A 51 -23.07 -4.22 21.25
CA LEU A 51 -22.44 -4.15 19.93
C LEU A 51 -23.47 -4.63 18.91
N ALA A 52 -23.89 -3.74 18.02
CA ALA A 52 -24.88 -4.10 17.01
C ALA A 52 -24.31 -5.01 15.93
N ASP A 53 -25.20 -5.63 15.19
CA ASP A 53 -24.82 -6.54 14.13
C ASP A 53 -23.80 -5.96 13.14
N HIS A 54 -24.05 -4.76 12.66
CA HIS A 54 -23.17 -4.15 11.68
C HIS A 54 -21.76 -3.87 12.20
N LEU A 55 -21.53 -4.03 13.49
CA LEU A 55 -20.19 -3.79 14.00
C LEU A 55 -19.33 -5.05 13.91
N ASN A 56 -19.89 -6.10 13.31
CA ASN A 56 -19.17 -7.37 13.10
C ASN A 56 -18.15 -7.73 14.17
N SER A 57 -18.61 -7.85 15.41
CA SER A 57 -17.72 -8.15 16.51
C SER A 57 -17.50 -9.64 16.70
N THR A 58 -16.56 -10.00 17.56
CA THR A 58 -16.27 -11.39 17.85
C THR A 58 -16.80 -11.67 19.24
N ASN A 59 -16.84 -12.94 19.62
CA ASN A 59 -17.29 -13.29 20.97
C ASN A 59 -16.36 -12.58 21.95
N HIS A 60 -15.07 -12.56 21.63
CA HIS A 60 -14.13 -11.94 22.55
C HIS A 60 -14.35 -10.46 22.77
N ALA A 61 -14.59 -9.71 21.70
CA ALA A 61 -14.82 -8.27 21.81
C ALA A 61 -16.12 -7.99 22.56
N ILE A 62 -17.12 -8.85 22.37
CA ILE A 62 -18.40 -8.70 23.06
C ILE A 62 -18.19 -8.90 24.56
N VAL A 63 -17.43 -9.93 24.91
CA VAL A 63 -17.17 -10.19 26.33
C VAL A 63 -16.34 -9.07 26.96
N GLN A 64 -15.37 -8.56 26.21
CA GLN A 64 -14.52 -7.48 26.73
C GLN A 64 -15.36 -6.24 26.92
N THR A 65 -16.31 -6.03 26.03
CA THR A 65 -17.17 -4.86 26.15
C THR A 65 -18.00 -4.96 27.43
N LEU A 66 -18.46 -6.17 27.76
CA LEU A 66 -19.23 -6.38 28.97
C LEU A 66 -18.37 -6.18 30.22
N VAL A 67 -17.16 -6.72 30.20
CA VAL A 67 -16.24 -6.56 31.32
C VAL A 67 -15.93 -5.07 31.54
N ASN A 68 -15.66 -4.35 30.47
CA ASN A 68 -15.38 -2.93 30.59
C ASN A 68 -16.56 -2.19 31.21
N SER A 69 -17.77 -2.65 30.90
CA SER A 69 -18.99 -2.05 31.43
C SER A 69 -19.05 -2.17 32.96
N VAL A 70 -18.45 -3.24 33.47
CA VAL A 70 -18.41 -3.54 34.89
C VAL A 70 -17.16 -2.96 35.54
N ASN A 71 -16.03 -3.11 34.86
CA ASN A 71 -14.75 -2.63 35.35
C ASN A 71 -14.01 -1.78 34.30
N SER A 72 -14.11 -0.47 34.45
CA SER A 72 -13.49 0.47 33.52
C SER A 72 -11.97 0.33 33.38
N LYS A 73 -11.33 -0.43 34.26
CA LYS A 73 -9.88 -0.61 34.17
C LYS A 73 -9.57 -1.47 32.96
N ILE A 74 -10.54 -2.25 32.52
CA ILE A 74 -10.38 -3.10 31.34
C ILE A 74 -10.87 -2.23 30.16
N PRO A 75 -10.00 -2.00 29.18
CA PRO A 75 -10.35 -1.17 28.02
C PRO A 75 -11.46 -1.70 27.11
N LYS A 76 -12.10 -0.79 26.41
CA LYS A 76 -13.17 -1.12 25.48
C LYS A 76 -12.58 -1.79 24.24
N ALA A 77 -13.42 -2.42 23.44
CA ALA A 77 -12.95 -3.02 22.22
C ALA A 77 -12.52 -1.87 21.33
N CYS A 78 -11.75 -2.15 20.29
CA CYS A 78 -11.30 -1.08 19.44
C CYS A 78 -11.94 -1.10 18.05
N CYS A 79 -12.15 0.09 17.51
CA CYS A 79 -12.75 0.29 16.19
C CYS A 79 -11.66 0.12 15.12
N VAL A 80 -11.77 -0.93 14.29
CA VAL A 80 -10.80 -1.23 13.25
C VAL A 80 -11.50 -1.72 11.97
N PRO A 81 -10.78 -1.76 10.84
CA PRO A 81 -11.38 -2.23 9.59
C PRO A 81 -11.73 -3.71 9.71
N THR A 82 -12.92 -4.09 9.24
CA THR A 82 -13.32 -5.48 9.29
C THR A 82 -13.58 -5.98 7.88
N GLU A 83 -13.50 -5.07 6.92
CA GLU A 83 -13.63 -5.42 5.52
C GLU A 83 -12.82 -4.40 4.72
N LEU A 84 -11.88 -4.90 3.92
CA LEU A 84 -11.02 -4.04 3.14
C LEU A 84 -11.08 -4.44 1.67
N SER A 85 -10.79 -3.48 0.79
CA SER A 85 -10.80 -3.75 -0.64
C SER A 85 -9.43 -3.38 -1.22
N ALA A 86 -9.21 -3.78 -2.47
CA ALA A 86 -7.95 -3.56 -3.17
C ALA A 86 -7.97 -2.45 -4.21
N ILE A 87 -6.77 -1.96 -4.56
CA ILE A 87 -6.60 -0.96 -5.61
C ILE A 87 -5.41 -1.37 -6.46
N SER A 88 -5.43 -0.97 -7.73
CA SER A 88 -4.32 -1.25 -8.62
C SER A 88 -3.30 -0.14 -8.53
N MET A 89 -2.02 -0.50 -8.55
CA MET A 89 -0.95 0.50 -8.54
C MET A 89 0.07 0.09 -9.60
N LEU A 90 0.73 1.09 -10.17
CA LEU A 90 1.75 0.86 -11.19
C LEU A 90 2.98 1.51 -10.60
N TYR A 91 4.03 0.75 -10.38
CA TYR A 91 5.22 1.34 -9.79
C TYR A 91 6.52 0.84 -10.38
N LEU A 92 7.61 1.43 -9.93
CA LEU A 92 8.94 1.07 -10.39
C LEU A 92 9.67 0.33 -9.29
N ASP A 93 10.17 -0.88 -9.56
CA ASP A 93 10.90 -1.61 -8.53
C ASP A 93 12.29 -1.00 -8.41
N GLU A 94 13.15 -1.59 -7.58
CA GLU A 94 14.50 -1.06 -7.40
C GLU A 94 15.31 -1.02 -8.69
N ASN A 95 14.96 -1.91 -9.62
CA ASN A 95 15.65 -2.00 -10.90
C ASN A 95 15.05 -1.07 -11.95
N GLU A 96 14.28 -0.10 -11.48
CA GLU A 96 13.64 0.87 -12.35
C GLU A 96 12.74 0.16 -13.37
N LYS A 97 12.25 -1.01 -13.00
CA LYS A 97 11.37 -1.81 -13.86
C LYS A 97 9.92 -1.56 -13.45
N VAL A 98 9.03 -1.46 -14.43
CA VAL A 98 7.62 -1.20 -14.17
C VAL A 98 6.83 -2.44 -13.76
N VAL A 99 6.08 -2.32 -12.66
CA VAL A 99 5.28 -3.44 -12.15
C VAL A 99 3.85 -3.00 -11.87
N LYS A 100 2.89 -3.83 -12.26
CA LYS A 100 1.48 -3.54 -12.00
C LYS A 100 1.06 -4.57 -10.98
N LYS A 101 0.47 -4.11 -9.89
CA LYS A 101 0.05 -4.99 -8.82
C LYS A 101 -1.25 -4.52 -8.20
N ASP A 102 -2.15 -5.47 -7.93
CA ASP A 102 -3.40 -5.14 -7.29
C ASP A 102 -3.16 -5.34 -5.79
N TYR A 103 -2.82 -4.25 -5.10
CA TYR A 103 -2.54 -4.31 -3.66
C TYR A 103 -3.82 -4.60 -2.88
N GLN A 104 -3.79 -5.67 -2.11
CA GLN A 104 -4.94 -6.07 -1.31
C GLN A 104 -5.01 -5.29 0.02
N ASP A 105 -6.18 -5.29 0.63
CA ASP A 105 -6.42 -4.65 1.92
C ASP A 105 -5.95 -3.20 2.01
N MET A 106 -6.23 -2.43 0.98
CA MET A 106 -5.82 -1.03 0.97
C MET A 106 -6.93 -0.06 1.36
N VAL A 107 -8.17 -0.41 1.05
CA VAL A 107 -9.28 0.48 1.34
C VAL A 107 -10.31 -0.06 2.35
N VAL A 108 -10.64 0.77 3.33
CA VAL A 108 -11.60 0.38 4.35
C VAL A 108 -13.00 0.44 3.78
N GLU A 109 -13.70 -0.69 3.77
CA GLU A 109 -15.07 -0.76 3.29
C GLU A 109 -16.02 -0.79 4.49
N GLY A 110 -15.57 -1.43 5.58
CA GLY A 110 -16.40 -1.50 6.76
C GLY A 110 -15.61 -1.47 8.04
N CYS A 111 -16.17 -0.87 9.08
CA CYS A 111 -15.52 -0.78 10.37
C CYS A 111 -16.29 -1.60 11.40
N GLY A 112 -15.58 -2.17 12.37
CA GLY A 112 -16.22 -2.97 13.40
C GLY A 112 -15.43 -2.91 14.68
N CYS A 113 -15.94 -3.56 15.73
CA CYS A 113 -15.28 -3.54 17.02
C CYS A 113 -14.59 -4.86 17.27
N ARG A 114 -13.29 -4.82 17.55
CA ARG A 114 -12.58 -6.06 17.81
C ARG A 114 -11.71 -6.05 19.06
N THR B 32 6.39 -17.11 -0.52
CA THR B 32 5.25 -16.62 0.31
C THR B 32 5.24 -17.28 1.68
N LEU B 33 6.29 -18.04 1.99
CA LEU B 33 6.42 -18.73 3.26
C LEU B 33 7.60 -18.17 4.06
N PRO B 34 7.60 -18.35 5.40
CA PRO B 34 8.67 -17.87 6.28
C PRO B 34 10.01 -18.55 5.97
N PHE B 35 10.87 -17.84 5.23
CA PHE B 35 12.18 -18.38 4.85
C PHE B 35 13.37 -17.52 5.29
N LEU B 36 13.13 -16.23 5.48
CA LEU B 36 14.20 -15.31 5.86
C LEU B 36 14.42 -15.17 7.37
N LYS B 37 15.68 -15.13 7.77
CA LYS B 37 16.06 -15.01 9.17
C LYS B 37 16.71 -13.66 9.36
N CYS B 38 16.36 -12.99 10.47
CA CYS B 38 16.91 -11.68 10.76
C CYS B 38 17.28 -11.56 12.21
N TYR B 39 18.05 -10.52 12.50
CA TYR B 39 18.44 -10.25 13.87
C TYR B 39 17.39 -9.22 14.33
N CYS B 40 16.99 -9.27 15.61
CA CYS B 40 16.01 -8.32 16.10
C CYS B 40 16.49 -7.70 17.41
N SER B 41 16.09 -6.47 17.65
CA SER B 41 16.45 -5.75 18.86
C SER B 41 15.43 -4.64 19.06
N GLY B 42 14.63 -4.75 20.12
CA GLY B 42 13.62 -3.76 20.41
C GLY B 42 12.34 -4.02 19.64
N HIS B 43 12.39 -4.94 18.69
CA HIS B 43 11.23 -5.29 17.87
C HIS B 43 11.07 -6.79 17.75
N CYS B 44 11.75 -7.51 18.63
CA CYS B 44 11.71 -8.97 18.65
C CYS B 44 10.34 -9.52 18.99
N PRO B 45 9.92 -10.58 18.29
CA PRO B 45 8.61 -11.17 18.61
C PRO B 45 8.83 -11.89 19.94
N ASP B 46 7.82 -12.58 20.46
CA ASP B 46 7.98 -13.28 21.73
C ASP B 46 8.77 -14.57 21.56
N ASP B 47 8.52 -15.26 20.45
CA ASP B 47 9.20 -16.52 20.16
C ASP B 47 10.56 -16.32 19.50
N ALA B 48 11.18 -15.17 19.74
CA ALA B 48 12.49 -14.88 19.16
C ALA B 48 13.55 -15.77 19.79
N ILE B 49 14.36 -16.41 18.95
CA ILE B 49 15.42 -17.28 19.44
C ILE B 49 16.77 -16.61 19.29
N ASN B 50 17.38 -16.29 20.44
CA ASN B 50 18.69 -15.64 20.45
C ASN B 50 18.68 -14.36 19.62
N ASN B 51 17.73 -13.49 19.92
CA ASN B 51 17.59 -12.24 19.22
C ASN B 51 17.54 -12.43 17.71
N THR B 52 16.71 -13.37 17.29
CA THR B 52 16.53 -13.67 15.88
C THR B 52 15.04 -13.91 15.61
N CYS B 53 14.56 -13.40 14.49
CA CYS B 53 13.15 -13.58 14.13
C CYS B 53 13.11 -14.11 12.71
N ILE B 54 12.01 -14.76 12.36
CA ILE B 54 11.85 -15.32 11.03
C ILE B 54 10.74 -14.56 10.30
N THR B 55 10.85 -14.43 8.99
CA THR B 55 9.83 -13.70 8.23
C THR B 55 9.81 -14.11 6.76
N ASN B 56 8.78 -13.65 6.07
CA ASN B 56 8.63 -13.92 4.64
C ASN B 56 8.96 -12.62 3.92
N GLY B 57 9.21 -11.57 4.70
CA GLY B 57 9.49 -10.27 4.12
C GLY B 57 10.90 -9.75 4.05
N HIS B 58 11.25 -8.83 4.95
CA HIS B 58 12.56 -8.22 4.96
C HIS B 58 13.07 -8.02 6.38
N CYS B 59 14.39 -7.85 6.50
CA CYS B 59 15.00 -7.54 7.78
C CYS B 59 15.10 -6.02 7.76
N PHE B 60 15.19 -5.40 8.93
CA PHE B 60 15.32 -3.96 8.95
C PHE B 60 16.11 -3.52 10.16
N ALA B 61 16.62 -2.30 10.06
CA ALA B 61 17.37 -1.67 11.14
C ALA B 61 16.90 -0.24 11.06
N ILE B 62 16.73 0.39 12.21
CA ILE B 62 16.26 1.76 12.21
C ILE B 62 16.93 2.55 13.30
N ILE B 63 17.31 3.78 12.98
CA ILE B 63 17.90 4.67 13.96
C ILE B 63 16.85 5.78 14.06
N GLU B 64 16.49 6.15 15.28
CA GLU B 64 15.45 7.17 15.44
C GLU B 64 15.62 8.04 16.69
N GLU B 65 15.22 9.30 16.55
CA GLU B 65 15.31 10.29 17.61
C GLU B 65 13.89 10.56 18.13
N ASP B 66 13.66 10.28 19.41
CA ASP B 66 12.34 10.49 19.99
C ASP B 66 11.99 11.95 20.25
N ASP B 67 10.76 12.15 20.75
CA ASP B 67 10.23 13.47 21.07
C ASP B 67 11.13 14.26 22.01
N GLN B 68 11.93 13.55 22.80
CA GLN B 68 12.81 14.21 23.74
C GLN B 68 14.29 14.13 23.40
N GLY B 69 14.59 14.12 22.10
CA GLY B 69 15.97 14.10 21.63
C GLY B 69 16.84 12.87 21.83
N GLU B 70 16.25 11.75 22.24
CA GLU B 70 17.07 10.55 22.43
C GLU B 70 17.07 9.69 21.17
N THR B 71 18.24 9.19 20.82
CA THR B 71 18.41 8.35 19.64
C THR B 71 18.64 6.88 19.98
N THR B 72 17.94 5.99 19.27
CA THR B 72 18.06 4.56 19.48
C THR B 72 18.18 3.78 18.17
N LEU B 73 18.81 2.61 18.25
CA LEU B 73 18.95 1.74 17.08
C LEU B 73 18.15 0.48 17.39
N ALA B 74 17.30 0.08 16.46
CA ALA B 74 16.48 -1.10 16.67
C ALA B 74 16.46 -1.90 15.39
N SER B 75 15.97 -3.12 15.45
CA SER B 75 15.94 -3.95 14.27
C SER B 75 14.99 -5.11 14.45
N GLY B 76 14.65 -5.75 13.33
CA GLY B 76 13.77 -6.89 13.42
C GLY B 76 13.32 -7.37 12.08
N CYS B 77 12.17 -8.03 12.08
CA CYS B 77 11.57 -8.61 10.88
C CYS B 77 10.36 -7.79 10.47
N MET B 78 10.11 -7.76 9.17
CA MET B 78 8.99 -7.03 8.60
C MET B 78 8.33 -7.97 7.62
N LYS B 79 7.03 -8.16 7.77
CA LYS B 79 6.26 -9.03 6.90
C LYS B 79 6.29 -8.48 5.47
N TYR B 80 6.13 -9.35 4.49
CA TYR B 80 6.16 -8.93 3.10
C TYR B 80 5.10 -7.89 2.73
N GLU B 81 3.84 -8.15 3.11
CA GLU B 81 2.78 -7.19 2.77
C GLU B 81 3.07 -5.86 3.45
N GLY B 82 3.16 -4.82 2.63
CA GLY B 82 3.41 -3.48 3.14
C GLY B 82 4.88 -3.14 3.34
N SER B 83 5.79 -4.07 3.06
CA SER B 83 7.20 -3.79 3.26
C SER B 83 7.71 -2.68 2.36
N ASP B 84 7.20 -2.58 1.14
CA ASP B 84 7.66 -1.50 0.27
C ASP B 84 7.31 -0.15 0.85
N PHE B 85 6.12 -0.03 1.45
CA PHE B 85 5.73 1.24 2.06
C PHE B 85 6.63 1.57 3.26
N GLN B 86 6.85 0.59 4.13
CA GLN B 86 7.66 0.81 5.31
C GLN B 86 9.14 1.04 5.03
N CYS B 87 9.70 0.27 4.11
CA CYS B 87 11.11 0.44 3.79
C CYS B 87 11.36 1.77 3.10
N LYS B 88 10.39 2.27 2.34
CA LYS B 88 10.54 3.57 1.68
C LYS B 88 10.42 4.70 2.71
N ASP B 89 9.49 4.53 3.65
CA ASP B 89 9.25 5.53 4.70
C ASP B 89 8.83 6.84 4.05
N SER B 90 8.73 7.90 4.85
CA SER B 90 8.35 9.22 4.33
C SER B 90 9.30 10.28 4.86
N PRO B 91 9.77 11.17 3.97
CA PRO B 91 10.69 12.24 4.37
C PRO B 91 10.01 13.19 5.34
N LYS B 92 8.68 13.26 5.23
CA LYS B 92 7.88 14.14 6.08
C LYS B 92 7.58 13.61 7.48
N ALA B 93 8.12 12.45 7.83
CA ALA B 93 7.89 11.91 9.17
C ALA B 93 8.23 12.99 10.18
N GLN B 94 7.42 13.12 11.22
CA GLN B 94 7.64 14.14 12.24
C GLN B 94 8.87 13.89 13.10
N LEU B 95 9.26 12.63 13.25
CA LEU B 95 10.45 12.33 14.04
C LEU B 95 11.58 12.03 13.07
N ARG B 96 12.80 12.40 13.45
CA ARG B 96 13.96 12.16 12.60
C ARG B 96 14.30 10.69 12.68
N ARG B 97 14.36 10.03 11.53
CA ARG B 97 14.68 8.62 11.54
C ARG B 97 15.08 8.13 10.16
N THR B 98 15.77 6.99 10.16
CA THR B 98 16.21 6.37 8.93
C THR B 98 16.04 4.87 9.14
N ILE B 99 15.26 4.24 8.26
CA ILE B 99 15.06 2.80 8.33
C ILE B 99 15.64 2.24 7.03
N GLU B 100 16.27 1.07 7.11
CA GLU B 100 16.85 0.47 5.92
C GLU B 100 16.51 -1.02 5.96
N CYS B 101 16.22 -1.57 4.79
CA CYS B 101 15.85 -2.96 4.70
C CYS B 101 16.81 -3.77 3.85
N CYS B 102 16.79 -5.08 4.03
CA CYS B 102 17.65 -5.95 3.26
C CYS B 102 16.99 -7.31 3.28
N ARG B 103 17.24 -8.12 2.26
CA ARG B 103 16.56 -9.39 2.19
C ARG B 103 17.37 -10.67 2.17
N THR B 104 18.49 -10.71 2.91
CA THR B 104 19.27 -11.93 2.99
C THR B 104 19.48 -12.25 4.46
N ASN B 105 19.58 -13.54 4.76
CA ASN B 105 19.75 -14.00 6.13
C ASN B 105 20.69 -13.17 6.98
N LEU B 106 20.18 -12.74 8.13
CA LEU B 106 20.91 -11.93 9.09
C LEU B 106 21.62 -10.72 8.50
N CYS B 107 21.12 -10.24 7.37
CA CYS B 107 21.73 -9.08 6.72
C CYS B 107 21.66 -7.82 7.57
N ASN B 108 20.81 -7.81 8.58
CA ASN B 108 20.73 -6.59 9.40
C ASN B 108 21.57 -6.57 10.66
N GLN B 109 22.35 -7.63 10.89
CA GLN B 109 23.19 -7.68 12.08
C GLN B 109 24.20 -6.54 12.12
N TYR B 110 24.68 -6.11 10.95
CA TYR B 110 25.66 -5.04 10.90
C TYR B 110 25.12 -3.78 10.22
N LEU B 111 23.83 -3.82 9.89
CA LEU B 111 23.17 -2.70 9.25
C LEU B 111 22.97 -1.59 10.28
N GLN B 112 23.64 -0.47 10.09
CA GLN B 112 23.51 0.65 11.02
C GLN B 112 23.31 1.97 10.28
N PRO B 113 22.04 2.33 10.02
CA PRO B 113 21.68 3.57 9.33
C PRO B 113 22.04 4.83 10.10
N THR B 114 22.14 5.95 9.40
CA THR B 114 22.45 7.21 10.05
C THR B 114 21.23 8.11 9.91
N LEU B 115 21.03 8.99 10.88
CA LEU B 115 19.90 9.90 10.86
C LEU B 115 19.96 10.90 9.72
N PRO B 116 18.80 11.42 9.29
CA PRO B 116 18.78 12.41 8.22
C PRO B 116 19.31 13.69 8.83
N PRO B 117 20.07 14.49 8.05
CA PRO B 117 20.65 15.75 8.52
C PRO B 117 19.59 16.79 8.90
N VAL B 118 19.90 17.62 9.90
CA VAL B 118 18.98 18.68 10.33
C VAL B 118 19.25 19.94 9.53
N VAL B 119 18.22 20.45 8.85
CA VAL B 119 18.35 21.66 8.05
C VAL B 119 18.23 22.92 8.91
N ILE B 120 19.27 23.75 8.89
CA ILE B 120 19.30 24.99 9.67
C ILE B 120 19.03 26.20 8.80
N GLY B 121 18.27 27.16 9.35
CA GLY B 121 17.95 28.37 8.61
C GLY B 121 16.66 28.31 7.83
N PRO B 122 16.21 29.43 7.25
CA PRO B 122 16.85 30.75 7.29
C PRO B 122 17.06 31.27 8.71
N PHE B 123 18.28 31.70 9.00
CA PHE B 123 18.62 32.22 10.33
C PHE B 123 18.49 33.74 10.37
N ALA C 6 -24.38 -9.00 -13.19
CA ALA C 6 -23.16 -8.23 -12.84
C ALA C 6 -22.56 -7.56 -14.07
N GLU C 7 -21.44 -6.88 -13.89
CA GLU C 7 -20.78 -6.18 -15.00
C GLU C 7 -19.50 -6.90 -15.42
N THR C 8 -19.32 -7.04 -16.74
CA THR C 8 -18.13 -7.71 -17.28
C THR C 8 -17.15 -6.73 -17.93
N ARG C 9 -15.98 -7.21 -18.27
CA ARG C 9 -14.95 -6.38 -18.89
C ARG C 9 -13.84 -7.13 -19.60
N GLU C 10 -13.40 -6.54 -20.71
CA GLU C 10 -12.31 -7.13 -21.50
C GLU C 10 -11.34 -6.01 -21.88
N CYS C 11 -10.05 -6.32 -21.81
CA CYS C 11 -9.04 -5.33 -22.16
C CYS C 11 -7.96 -5.93 -23.02
N ILE C 12 -7.15 -5.06 -23.60
CA ILE C 12 -6.04 -5.48 -24.42
C ILE C 12 -4.92 -5.75 -23.45
N TYR C 13 -4.27 -6.90 -23.58
CA TYR C 13 -3.19 -7.25 -22.69
C TYR C 13 -1.84 -7.17 -23.40
N TYR C 14 -0.85 -6.65 -22.69
CA TYR C 14 0.49 -6.54 -23.24
C TYR C 14 1.50 -6.50 -22.10
N ASN C 15 2.64 -7.14 -22.31
CA ASN C 15 3.70 -7.18 -21.31
C ASN C 15 5.07 -7.14 -21.97
N ALA C 16 5.73 -6.00 -21.86
CA ALA C 16 7.06 -5.84 -22.44
C ALA C 16 8.05 -6.82 -21.84
N ASN C 17 7.87 -7.12 -20.57
CA ASN C 17 8.76 -8.05 -19.87
C ASN C 17 8.08 -9.40 -19.69
N TRP C 18 7.58 -9.96 -20.78
CA TRP C 18 6.89 -11.25 -20.76
C TRP C 18 7.87 -12.41 -20.52
N GLU C 19 9.15 -12.14 -20.72
CA GLU C 19 10.19 -13.16 -20.53
C GLU C 19 10.30 -13.65 -19.10
N LEU C 20 10.91 -12.83 -18.26
CA LEU C 20 11.11 -13.16 -16.85
C LEU C 20 9.80 -13.46 -16.12
N GLU C 21 8.74 -12.72 -16.44
CA GLU C 21 7.45 -12.93 -15.80
C GLU C 21 6.80 -14.20 -16.32
N ARG C 22 7.37 -14.73 -17.41
CA ARG C 22 6.87 -15.96 -18.03
C ARG C 22 5.39 -15.87 -18.37
N THR C 23 5.03 -14.88 -19.20
CA THR C 23 3.65 -14.69 -19.63
C THR C 23 3.67 -14.38 -21.12
N ASN C 24 2.50 -14.25 -21.72
CA ASN C 24 2.40 -13.92 -23.14
C ASN C 24 2.85 -12.49 -23.33
N GLN C 25 3.19 -12.12 -24.56
CA GLN C 25 3.62 -10.76 -24.83
C GLN C 25 2.40 -9.93 -25.22
N SER C 26 1.38 -10.60 -25.73
CA SER C 26 0.17 -9.92 -26.13
C SER C 26 -1.03 -10.84 -26.00
N GLY C 27 -2.22 -10.25 -25.98
CA GLY C 27 -3.43 -11.04 -25.86
C GLY C 27 -4.58 -10.21 -25.33
N LEU C 28 -5.54 -10.88 -24.69
CA LEU C 28 -6.68 -10.20 -24.11
C LEU C 28 -6.82 -10.63 -22.65
N GLU C 29 -7.58 -9.86 -21.89
CA GLU C 29 -7.79 -10.16 -20.48
C GLU C 29 -9.21 -9.84 -20.05
N ARG C 30 -9.84 -10.78 -19.35
CA ARG C 30 -11.19 -10.59 -18.84
C ARG C 30 -11.03 -10.10 -17.41
N CYS C 31 -11.52 -8.89 -17.13
CA CYS C 31 -11.39 -8.32 -15.80
C CYS C 31 -12.37 -8.94 -14.82
N GLU C 32 -11.99 -8.94 -13.55
CA GLU C 32 -12.82 -9.49 -12.48
C GLU C 32 -12.93 -8.46 -11.35
N GLY C 33 -14.14 -7.98 -11.10
CA GLY C 33 -14.34 -7.00 -10.05
C GLY C 33 -15.38 -7.39 -9.02
N GLU C 34 -15.30 -6.78 -7.84
CA GLU C 34 -16.22 -7.06 -6.75
C GLU C 34 -17.58 -6.44 -7.04
N GLN C 35 -18.54 -6.70 -6.16
CA GLN C 35 -19.90 -6.20 -6.28
C GLN C 35 -20.00 -4.69 -6.54
N ASP C 36 -20.78 -4.32 -7.54
CA ASP C 36 -21.01 -2.92 -7.88
C ASP C 36 -19.75 -2.08 -8.05
N LYS C 37 -18.62 -2.72 -8.34
CA LYS C 37 -17.38 -1.99 -8.54
C LYS C 37 -17.00 -1.93 -10.02
N ARG C 38 -16.73 -0.72 -10.51
CA ARG C 38 -16.38 -0.52 -11.91
C ARG C 38 -15.11 -1.25 -12.30
N LEU C 39 -14.96 -1.50 -13.60
CA LEU C 39 -13.80 -2.18 -14.14
C LEU C 39 -13.19 -1.34 -15.25
N HIS C 40 -11.86 -1.26 -15.28
CA HIS C 40 -11.18 -0.48 -16.28
C HIS C 40 -10.05 -1.20 -16.99
N CYS C 41 -9.44 -0.48 -17.94
CA CYS C 41 -8.31 -0.97 -18.71
C CYS C 41 -7.25 0.11 -18.58
N TYR C 42 -6.00 -0.26 -18.80
CA TYR C 42 -4.95 0.73 -18.72
C TYR C 42 -3.85 0.44 -19.73
N ALA C 43 -2.99 1.42 -19.93
CA ALA C 43 -1.85 1.30 -20.81
C ALA C 43 -0.76 2.16 -20.19
N SER C 44 0.49 1.77 -20.39
CA SER C 44 1.62 2.51 -19.85
C SER C 44 2.75 2.36 -20.86
N TRP C 45 3.50 3.43 -21.07
CA TRP C 45 4.59 3.38 -22.03
C TRP C 45 5.67 4.39 -21.71
N ARG C 46 6.77 4.32 -22.45
CA ARG C 46 7.85 5.28 -22.27
C ARG C 46 8.01 5.99 -23.60
N ASN C 47 8.48 7.24 -23.56
CA ASN C 47 8.68 8.01 -24.78
C ASN C 47 10.16 8.35 -24.92
N SER C 48 10.90 7.46 -25.57
CA SER C 48 12.33 7.65 -25.77
C SER C 48 12.56 8.71 -26.83
N SER C 49 12.18 9.94 -26.51
CA SER C 49 12.33 11.07 -27.42
C SER C 49 11.84 10.71 -28.82
N GLY C 50 10.53 10.79 -29.01
CA GLY C 50 9.95 10.45 -30.30
C GLY C 50 9.45 9.03 -30.37
N THR C 51 10.36 8.07 -30.22
CA THR C 51 10.01 6.67 -30.28
C THR C 51 9.30 6.22 -28.99
N ILE C 52 8.22 5.47 -29.14
CA ILE C 52 7.43 5.00 -28.01
C ILE C 52 7.62 3.53 -27.67
N GLU C 53 7.96 3.28 -26.41
CA GLU C 53 8.18 1.92 -25.91
C GLU C 53 6.96 1.51 -25.10
N LEU C 54 6.18 0.57 -25.64
CA LEU C 54 5.00 0.09 -24.93
C LEU C 54 5.50 -0.72 -23.74
N VAL C 55 5.00 -0.43 -22.54
CA VAL C 55 5.42 -1.16 -21.35
C VAL C 55 4.42 -2.22 -20.93
N LYS C 56 3.18 -1.82 -20.68
CA LYS C 56 2.14 -2.76 -20.25
C LYS C 56 0.73 -2.27 -20.53
N LYS C 57 -0.18 -3.22 -20.69
CA LYS C 57 -1.60 -2.97 -20.91
C LYS C 57 -2.37 -4.09 -20.22
N GLY C 58 -3.55 -3.80 -19.70
CA GLY C 58 -4.33 -4.82 -19.05
C GLY C 58 -5.50 -4.30 -18.25
N CYS C 59 -6.02 -5.12 -17.35
CA CYS C 59 -7.14 -4.70 -16.51
C CYS C 59 -6.66 -3.81 -15.37
N TRP C 60 -7.56 -2.98 -14.85
CA TRP C 60 -7.25 -2.06 -13.76
C TRP C 60 -8.52 -1.98 -12.90
N LEU C 61 -8.36 -2.05 -11.58
CA LEU C 61 -9.50 -2.03 -10.68
C LEU C 61 -10.11 -0.64 -10.45
N ASP C 62 -11.40 -0.63 -10.10
CA ASP C 62 -12.15 0.58 -9.82
C ASP C 62 -11.22 1.69 -9.35
N ASP C 63 -11.18 2.78 -10.12
CA ASP C 63 -10.31 3.92 -9.84
C ASP C 63 -10.98 5.21 -10.31
N PHE C 64 -11.19 6.16 -9.41
CA PHE C 64 -11.84 7.42 -9.75
C PHE C 64 -11.25 8.10 -10.97
N ASN C 65 -9.94 7.99 -11.15
CA ASN C 65 -9.25 8.62 -12.26
C ASN C 65 -9.54 7.99 -13.62
N CYS C 66 -10.30 6.90 -13.64
CA CYS C 66 -10.62 6.22 -14.90
C CYS C 66 -12.11 6.30 -15.22
N TYR C 67 -12.89 6.80 -14.26
CA TYR C 67 -14.33 6.89 -14.43
C TYR C 67 -14.78 7.62 -15.70
N ASP C 68 -15.80 7.05 -16.35
CA ASP C 68 -16.42 7.63 -17.53
C ASP C 68 -15.49 8.11 -18.65
N ARG C 69 -14.38 7.40 -18.83
CA ARG C 69 -13.44 7.77 -19.87
C ARG C 69 -13.43 6.69 -20.94
N GLN C 70 -13.96 7.02 -22.11
CA GLN C 70 -14.01 6.06 -23.21
C GLN C 70 -12.67 5.94 -23.91
N GLU C 71 -11.84 6.97 -23.77
CA GLU C 71 -10.53 6.94 -24.39
C GLU C 71 -9.45 6.93 -23.31
N CYS C 72 -8.29 6.41 -23.68
CA CYS C 72 -7.16 6.30 -22.78
C CYS C 72 -6.26 7.48 -23.08
N VAL C 73 -6.11 8.39 -22.13
CA VAL C 73 -5.30 9.57 -22.35
C VAL C 73 -4.34 9.83 -21.19
N ALA C 74 -3.06 9.98 -21.51
CA ALA C 74 -2.05 10.25 -20.51
C ALA C 74 -2.07 11.76 -20.32
N THR C 75 -2.42 12.20 -19.11
CA THR C 75 -2.50 13.63 -18.82
C THR C 75 -1.26 14.26 -18.21
N GLU C 76 -0.42 13.45 -17.56
CA GLU C 76 0.79 13.99 -16.96
C GLU C 76 1.66 14.71 -18.00
N GLU C 77 2.06 15.94 -17.66
CA GLU C 77 2.89 16.76 -18.54
C GLU C 77 4.02 15.98 -19.21
N ASN C 78 5.08 15.71 -18.44
CA ASN C 78 6.22 14.96 -18.97
C ASN C 78 6.75 13.99 -17.91
N PRO C 79 6.08 12.85 -17.73
CA PRO C 79 6.50 11.84 -16.75
C PRO C 79 7.56 10.88 -17.30
N GLN C 80 8.19 10.13 -16.42
CA GLN C 80 9.21 9.17 -16.83
C GLN C 80 8.48 7.99 -17.45
N VAL C 81 7.32 7.66 -16.90
CA VAL C 81 6.51 6.55 -17.40
C VAL C 81 5.08 7.06 -17.61
N TYR C 82 4.59 6.94 -18.83
CA TYR C 82 3.25 7.39 -19.15
C TYR C 82 2.22 6.36 -18.72
N PHE C 83 1.00 6.82 -18.49
CA PHE C 83 -0.07 5.94 -18.05
C PHE C 83 -1.42 6.54 -18.38
N CYS C 84 -2.39 5.68 -18.67
CA CYS C 84 -3.75 6.12 -18.95
C CYS C 84 -4.64 4.93 -18.65
N CYS C 85 -5.86 5.20 -18.23
CA CYS C 85 -6.81 4.13 -17.95
C CYS C 85 -8.15 4.62 -18.44
N CYS C 86 -9.10 3.71 -18.61
CA CYS C 86 -10.38 4.10 -19.14
C CYS C 86 -11.46 3.10 -18.77
N GLU C 87 -12.71 3.44 -19.07
CA GLU C 87 -13.82 2.56 -18.73
C GLU C 87 -14.57 2.10 -19.98
N GLY C 88 -14.09 1.03 -20.59
CA GLY C 88 -14.73 0.52 -21.77
C GLY C 88 -13.95 -0.64 -22.34
N ASN C 89 -14.66 -1.63 -22.87
CA ASN C 89 -14.02 -2.80 -23.45
C ASN C 89 -12.98 -2.41 -24.49
N PHE C 90 -11.77 -2.91 -24.30
CA PHE C 90 -10.65 -2.65 -25.21
C PHE C 90 -10.33 -1.16 -25.35
N CYS C 91 -10.86 -0.35 -24.44
CA CYS C 91 -10.62 1.09 -24.48
C CYS C 91 -9.13 1.43 -24.46
N ASN C 92 -8.29 0.45 -24.14
CA ASN C 92 -6.86 0.70 -24.10
C ASN C 92 -6.16 0.22 -25.37
N GLU C 93 -6.96 -0.16 -26.37
CA GLU C 93 -6.43 -0.63 -27.64
C GLU C 93 -5.61 0.49 -28.30
N ARG C 94 -5.98 1.73 -28.02
CA ARG C 94 -5.29 2.90 -28.56
C ARG C 94 -5.14 3.92 -27.45
N PHE C 95 -4.05 4.67 -27.46
CA PHE C 95 -3.83 5.70 -26.45
C PHE C 95 -3.15 6.94 -27.02
N THR C 96 -3.22 8.05 -26.29
CA THR C 96 -2.63 9.31 -26.72
C THR C 96 -2.06 10.07 -25.53
N HIS C 97 -1.27 11.10 -25.82
CA HIS C 97 -0.67 11.92 -24.77
C HIS C 97 -0.94 13.40 -24.97
N LEU C 98 -1.61 14.02 -24.00
CA LEU C 98 -1.93 15.44 -24.06
C LEU C 98 -1.96 16.03 -22.65
N PRO C 99 -0.94 16.85 -22.31
CA PRO C 99 -0.83 17.49 -21.00
C PRO C 99 -2.08 18.27 -20.58
#